data_4WP9
#
_entry.id   4WP9
#
_cell.length_a   52.470
_cell.length_b   56.090
_cell.length_c   55.770
_cell.angle_alpha   90.00
_cell.angle_beta   110.72
_cell.angle_gamma   90.00
#
_symmetry.space_group_name_H-M   'P 1 21 1'
#
loop_
_entity.id
_entity.type
_entity.pdbx_description
1 polymer Ma1120
2 non-polymer 'MAGNESIUM ION'
3 non-polymer "2',5'-dideoxyadenosine 3'-(tetrahydrogen triphosphate)"
4 non-polymer 'CALCIUM ION'
5 water water
#
_entity_poly.entity_id   1
_entity_poly.type   'polypeptide(L)'
_entity_poly.pdbx_seq_one_letter_code
;FQGAMGSRVVILFTDIEESTALNERIGDRAWVKLISSHDKLVSDLVRRQSGHVVKSQGDGFMVAFARPEQAVRCGIELQR
ALRRNANRKRHEEIRVRIGIHMGRSVRRGDDLFGRNVAMAARVAAQAAGGEILVSQPVRDALSRSDGIRFDDGREVELKG
FSGTYRLFAVLASPDPG
;
_entity_poly.pdbx_strand_id   A,B
#
# COMPACT_ATOMS: atom_id res chain seq x y z
N GLY A 3 -29.71 4.32 -9.41
CA GLY A 3 -28.92 3.10 -9.42
C GLY A 3 -27.68 3.23 -8.56
N ALA A 4 -27.15 2.11 -8.11
CA ALA A 4 -26.02 2.10 -7.18
C ALA A 4 -24.81 2.84 -7.77
N MET A 5 -24.00 3.40 -6.88
CA MET A 5 -22.74 4.03 -7.26
C MET A 5 -21.65 2.97 -7.33
N GLY A 6 -21.02 2.85 -8.49
CA GLY A 6 -19.98 1.87 -8.72
C GLY A 6 -20.47 0.60 -9.39
N SER A 7 -19.52 -0.17 -9.93
CA SER A 7 -19.84 -1.40 -10.66
C SER A 7 -19.22 -2.60 -9.98
N ARG A 8 -19.81 -3.76 -10.22
CA ARG A 8 -19.38 -5.00 -9.59
C ARG A 8 -17.99 -5.39 -10.06
N VAL A 9 -17.15 -5.70 -9.09
CA VAL A 9 -15.80 -6.13 -9.37
C VAL A 9 -15.33 -6.96 -8.20
N VAL A 10 -14.38 -7.84 -8.48
CA VAL A 10 -13.76 -8.65 -7.45
C VAL A 10 -12.34 -8.19 -7.32
N ILE A 11 -11.90 -7.89 -6.10
CA ILE A 11 -10.62 -7.28 -5.89
C ILE A 11 -9.80 -8.24 -5.06
N LEU A 12 -8.58 -8.49 -5.51
CA LEU A 12 -7.64 -9.39 -4.89
C LEU A 12 -6.38 -8.58 -4.58
N PHE A 13 -5.88 -8.70 -3.36
CA PHE A 13 -4.63 -8.11 -2.94
C PHE A 13 -3.68 -9.24 -2.60
N THR A 14 -2.43 -9.09 -2.98
CA THR A 14 -1.35 -9.99 -2.54
C THR A 14 -0.36 -9.19 -1.72
N ASP A 15 0.37 -9.86 -0.85
CA ASP A 15 1.40 -9.20 -0.06
C ASP A 15 2.41 -10.21 0.44
N ILE A 16 3.69 -9.95 0.18
CA ILE A 16 4.77 -10.80 0.69
C ILE A 16 4.96 -10.58 2.18
N GLU A 17 5.07 -11.67 2.93
CA GLU A 17 5.28 -11.62 4.35
C GLU A 17 6.71 -11.20 4.65
N GLU A 18 6.89 -10.22 5.53
CA GLU A 18 8.21 -9.83 6.00
C GLU A 18 9.16 -9.51 4.85
N SER A 19 8.69 -8.78 3.85
CA SER A 19 9.53 -8.48 2.71
C SER A 19 10.67 -7.54 3.04
N THR A 20 10.48 -6.69 4.04
CA THR A 20 11.51 -5.70 4.41
C THR A 20 12.69 -6.45 4.98
N ALA A 21 12.43 -7.41 5.86
CA ALA A 21 13.52 -8.20 6.43
C ALA A 21 14.24 -8.97 5.32
N LEU A 22 13.46 -9.43 4.34
CA LEU A 22 14.01 -10.17 3.22
C LEU A 22 14.96 -9.26 2.43
N ASN A 23 14.44 -8.09 2.06
CA ASN A 23 15.23 -7.07 1.36
C ASN A 23 16.54 -6.78 2.11
N GLU A 24 16.45 -6.58 3.41
CA GLU A 24 17.62 -6.25 4.22
C GLU A 24 18.64 -7.39 4.23
N ARG A 25 18.15 -8.63 4.19
CA ARG A 25 19.03 -9.80 4.18
C ARG A 25 19.79 -9.94 2.86
N ILE A 26 19.02 -9.91 1.77
CA ILE A 26 19.56 -10.32 0.48
C ILE A 26 20.16 -9.15 -0.30
N GLY A 27 19.83 -7.94 0.12
CA GLY A 27 20.38 -6.75 -0.53
C GLY A 27 19.50 -6.31 -1.68
N ASP A 28 19.61 -5.03 -2.00
CA ASP A 28 18.76 -4.43 -3.04
C ASP A 28 18.88 -5.08 -4.42
N ARG A 29 20.07 -5.46 -4.84
CA ARG A 29 20.22 -6.07 -6.17
C ARG A 29 19.37 -7.33 -6.26
N ALA A 30 19.51 -8.20 -5.26
CA ALA A 30 18.80 -9.47 -5.28
C ALA A 30 17.31 -9.23 -5.14
N TRP A 31 16.96 -8.22 -4.34
CA TRP A 31 15.56 -7.89 -4.09
C TRP A 31 14.88 -7.45 -5.39
N VAL A 32 15.53 -6.59 -6.14
CA VAL A 32 14.95 -6.10 -7.40
C VAL A 32 14.75 -7.27 -8.37
N LYS A 33 15.72 -8.16 -8.46
CA LYS A 33 15.61 -9.36 -9.30
C LYS A 33 14.41 -10.19 -8.84
N LEU A 34 14.29 -10.40 -7.54
CA LEU A 34 13.22 -11.22 -6.99
C LEU A 34 11.84 -10.62 -7.31
N ILE A 35 11.71 -9.32 -7.08
CA ILE A 35 10.40 -8.69 -7.26
C ILE A 35 10.06 -8.60 -8.74
N SER A 36 11.07 -8.45 -9.59
CA SER A 36 10.84 -8.44 -11.04
CA SER A 36 10.86 -8.44 -11.04
C SER A 36 10.25 -9.78 -11.47
N SER A 37 10.82 -10.86 -10.95
CA SER A 37 10.36 -12.22 -11.25
C SER A 37 8.94 -12.43 -10.73
N HIS A 38 8.69 -11.91 -9.53
CA HIS A 38 7.40 -12.06 -8.87
C HIS A 38 6.34 -11.29 -9.64
N ASP A 39 6.68 -10.09 -10.08
CA ASP A 39 5.77 -9.26 -10.86
C ASP A 39 5.32 -10.02 -12.10
N LYS A 40 6.27 -10.68 -12.77
CA LYS A 40 5.97 -11.37 -14.02
C LYS A 40 5.08 -12.60 -13.77
N LEU A 41 5.36 -13.33 -12.70
CA LEU A 41 4.55 -14.49 -12.33
C LEU A 41 3.09 -14.09 -12.05
N VAL A 42 2.92 -13.09 -11.20
CA VAL A 42 1.59 -12.63 -10.86
C VAL A 42 0.89 -12.11 -12.12
N SER A 43 1.56 -11.28 -12.91
CA SER A 43 0.93 -10.72 -14.10
C SER A 43 0.48 -11.82 -15.05
N ASP A 44 1.33 -12.82 -15.27
CA ASP A 44 0.97 -13.93 -16.15
C ASP A 44 -0.24 -14.71 -15.62
N LEU A 45 -0.27 -14.98 -14.32
CA LEU A 45 -1.36 -15.76 -13.74
C LEU A 45 -2.66 -14.97 -13.72
N VAL A 46 -2.56 -13.66 -13.53
CA VAL A 46 -3.73 -12.79 -13.57
C VAL A 46 -4.30 -12.77 -14.98
N ARG A 47 -3.40 -12.67 -15.96
CA ARG A 47 -3.79 -12.61 -17.36
C ARG A 47 -4.53 -13.88 -17.76
N ARG A 48 -4.13 -15.02 -17.21
CA ARG A 48 -4.73 -16.31 -17.57
C ARG A 48 -6.17 -16.46 -17.08
N GLN A 49 -6.51 -15.65 -16.08
CA GLN A 49 -7.85 -15.66 -15.50
C GLN A 49 -8.58 -14.37 -15.89
N SER A 50 -8.10 -13.73 -16.95
CA SER A 50 -8.74 -12.53 -17.51
C SER A 50 -8.87 -11.39 -16.51
N GLY A 51 -7.93 -11.31 -15.59
CA GLY A 51 -7.91 -10.22 -14.63
C GLY A 51 -7.00 -9.11 -15.10
N HIS A 52 -6.89 -8.08 -14.26
CA HIS A 52 -6.05 -6.92 -14.55
C HIS A 52 -5.35 -6.46 -13.29
N VAL A 53 -4.04 -6.32 -13.38
CA VAL A 53 -3.28 -5.76 -12.29
C VAL A 53 -3.50 -4.25 -12.26
N VAL A 54 -4.06 -3.77 -11.16
CA VAL A 54 -4.36 -2.35 -11.04
C VAL A 54 -3.10 -1.56 -10.76
N LYS A 55 -2.36 -2.04 -9.76
CA LYS A 55 -1.13 -1.40 -9.32
C LYS A 55 -0.26 -2.36 -8.53
N SER A 56 1.03 -2.03 -8.52
CA SER A 56 2.00 -2.66 -7.63
CA SER A 56 1.97 -2.68 -7.63
C SER A 56 2.12 -1.86 -6.36
N GLN A 57 2.23 -2.56 -5.23
CA GLN A 57 2.46 -1.91 -3.95
C GLN A 57 3.81 -2.32 -3.36
N GLY A 58 4.81 -2.43 -4.22
CA GLY A 58 6.14 -2.82 -3.82
C GLY A 58 6.31 -4.33 -3.73
N ASP A 59 5.77 -4.91 -2.66
CA ASP A 59 5.87 -6.35 -2.43
C ASP A 59 4.52 -7.05 -2.61
N GLY A 60 3.60 -6.43 -3.35
CA GLY A 60 2.32 -7.03 -3.63
C GLY A 60 1.54 -6.26 -4.65
N PHE A 61 0.37 -6.77 -5.00
CA PHE A 61 -0.41 -6.21 -6.07
C PHE A 61 -1.85 -6.10 -5.68
N MET A 62 -2.50 -5.13 -6.30
CA MET A 62 -3.95 -5.00 -6.29
C MET A 62 -4.42 -5.42 -7.66
N VAL A 63 -5.42 -6.32 -7.69
CA VAL A 63 -5.85 -6.95 -8.92
C VAL A 63 -7.37 -6.96 -9.01
N ALA A 64 -7.89 -6.72 -10.20
CA ALA A 64 -9.32 -6.72 -10.41
C ALA A 64 -9.74 -7.86 -11.34
N PHE A 65 -10.86 -8.49 -11.01
CA PHE A 65 -11.47 -9.53 -11.85
C PHE A 65 -12.96 -9.27 -11.97
N ALA A 66 -13.56 -9.75 -13.05
CA ALA A 66 -15.01 -9.63 -13.21
C ALA A 66 -15.80 -10.60 -12.32
N ARG A 67 -15.25 -11.79 -12.08
CA ARG A 67 -15.99 -12.86 -11.40
C ARG A 67 -15.15 -13.53 -10.31
N PRO A 68 -15.79 -13.96 -9.22
CA PRO A 68 -15.01 -14.48 -8.08
C PRO A 68 -14.25 -15.78 -8.38
N GLU A 69 -14.79 -16.62 -9.28
CA GLU A 69 -14.11 -17.86 -9.60
C GLU A 69 -12.75 -17.58 -10.23
N GLN A 70 -12.65 -16.50 -10.98
CA GLN A 70 -11.39 -16.15 -11.63
C GLN A 70 -10.36 -15.71 -10.61
N ALA A 71 -10.79 -14.87 -9.68
CA ALA A 71 -9.93 -14.39 -8.61
C ALA A 71 -9.42 -15.56 -7.77
N VAL A 72 -10.33 -16.47 -7.40
CA VAL A 72 -9.93 -17.57 -6.54
C VAL A 72 -9.00 -18.51 -7.28
N ARG A 73 -9.32 -18.82 -8.54
CA ARG A 73 -8.46 -19.66 -9.36
C ARG A 73 -7.05 -19.05 -9.46
N CYS A 74 -7.00 -17.74 -9.66
CA CYS A 74 -5.72 -17.04 -9.75
C CYS A 74 -4.91 -17.21 -8.47
N GLY A 75 -5.55 -17.00 -7.34
CA GLY A 75 -4.88 -17.19 -6.05
C GLY A 75 -4.38 -18.61 -5.85
N ILE A 76 -5.19 -19.60 -6.23
CA ILE A 76 -4.83 -21.00 -6.11
C ILE A 76 -3.59 -21.31 -6.95
N GLU A 77 -3.55 -20.78 -8.17
CA GLU A 77 -2.41 -21.03 -9.05
C GLU A 77 -1.15 -20.32 -8.57
N LEU A 78 -1.33 -19.13 -8.00
CA LEU A 78 -0.19 -18.40 -7.46
C LEU A 78 0.42 -19.14 -6.26
N GLN A 79 -0.41 -19.56 -5.31
CA GLN A 79 0.13 -20.29 -4.17
C GLN A 79 0.79 -21.59 -4.64
N ARG A 80 0.22 -22.21 -5.68
CA ARG A 80 0.79 -23.39 -6.30
C ARG A 80 2.17 -23.10 -6.87
N ALA A 81 2.27 -22.01 -7.63
CA ALA A 81 3.51 -21.63 -8.28
C ALA A 81 4.59 -21.27 -7.26
N LEU A 82 4.19 -20.61 -6.17
CA LEU A 82 5.13 -20.22 -5.13
C LEU A 82 5.69 -21.45 -4.41
N ARG A 83 4.83 -22.45 -4.24
CA ARG A 83 5.26 -23.72 -3.67
C ARG A 83 6.31 -24.37 -4.56
N ARG A 84 6.04 -24.42 -5.86
CA ARG A 84 6.94 -25.03 -6.83
C ARG A 84 8.30 -24.32 -6.85
N ASN A 85 8.26 -22.99 -6.82
CA ASN A 85 9.49 -22.20 -6.79
C ASN A 85 10.32 -22.52 -5.55
N ALA A 86 9.65 -22.58 -4.41
CA ALA A 86 10.32 -22.91 -3.15
C ALA A 86 10.94 -24.30 -3.21
N GLU A 93 12.94 -18.04 -0.50
CA GLU A 93 11.62 -18.54 -0.14
C GLU A 93 10.74 -17.38 0.34
N ILE A 94 9.68 -17.09 -0.42
CA ILE A 94 8.75 -16.03 -0.05
C ILE A 94 7.37 -16.62 0.21
N ARG A 95 6.73 -16.11 1.26
CA ARG A 95 5.35 -16.44 1.54
C ARG A 95 4.47 -15.22 1.25
N VAL A 96 3.35 -15.48 0.58
CA VAL A 96 2.46 -14.43 0.13
C VAL A 96 1.07 -14.63 0.76
N ARG A 97 0.51 -13.56 1.34
CA ARG A 97 -0.89 -13.59 1.79
C ARG A 97 -1.76 -13.07 0.66
N ILE A 98 -2.93 -13.66 0.50
CA ILE A 98 -3.86 -13.25 -0.54
C ILE A 98 -5.24 -13.04 0.08
N GLY A 99 -5.87 -11.91 -0.25
CA GLY A 99 -7.23 -11.65 0.23
C GLY A 99 -8.11 -11.27 -0.93
N ILE A 100 -9.36 -11.75 -0.91
CA ILE A 100 -10.32 -11.50 -1.99
C ILE A 100 -11.65 -11.04 -1.44
N HIS A 101 -12.18 -9.94 -1.98
CA HIS A 101 -13.50 -9.47 -1.62
C HIS A 101 -14.19 -9.02 -2.90
N MET A 102 -15.52 -9.01 -2.90
CA MET A 102 -16.28 -8.58 -4.06
C MET A 102 -17.37 -7.63 -3.64
N GLY A 103 -17.67 -6.67 -4.50
CA GLY A 103 -18.73 -5.70 -4.26
C GLY A 103 -18.63 -4.62 -5.33
N ARG A 104 -19.38 -3.55 -5.15
CA ARG A 104 -19.30 -2.44 -6.07
C ARG A 104 -18.21 -1.47 -5.68
N SER A 105 -17.55 -0.91 -6.68
CA SER A 105 -16.46 0.05 -6.46
C SER A 105 -16.46 1.04 -7.61
N VAL A 106 -15.99 2.25 -7.33
CA VAL A 106 -15.99 3.33 -8.28
C VAL A 106 -14.68 3.38 -9.07
N ARG A 107 -14.79 3.39 -10.38
CA ARG A 107 -13.63 3.50 -11.28
C ARG A 107 -13.14 4.94 -11.48
N ARG A 108 -11.83 5.12 -11.42
CA ARG A 108 -11.21 6.38 -11.76
C ARG A 108 -9.90 6.07 -12.48
N GLY A 109 -9.88 6.33 -13.78
CA GLY A 109 -8.80 5.87 -14.63
C GLY A 109 -8.66 4.37 -14.48
N ASP A 110 -7.45 3.91 -14.16
CA ASP A 110 -7.23 2.49 -14.02
C ASP A 110 -7.32 2.04 -12.56
N ASP A 111 -7.70 2.97 -11.69
CA ASP A 111 -7.80 2.68 -10.25
C ASP A 111 -9.26 2.48 -9.81
N LEU A 112 -9.42 1.96 -8.59
CA LEU A 112 -10.73 1.68 -8.04
C LEU A 112 -10.80 2.26 -6.64
N PHE A 113 -11.95 2.85 -6.32
CA PHE A 113 -12.14 3.53 -5.05
C PHE A 113 -13.44 3.15 -4.40
N GLY A 114 -13.39 3.14 -3.07
CA GLY A 114 -14.58 2.92 -2.28
C GLY A 114 -14.33 1.95 -1.15
N ARG A 115 -15.34 1.77 -0.31
CA ARG A 115 -15.15 0.98 0.90
C ARG A 115 -14.86 -0.49 0.61
N ASN A 116 -15.31 -1.00 -0.53
CA ASN A 116 -15.09 -2.40 -0.84
C ASN A 116 -13.65 -2.65 -1.26
N VAL A 117 -12.96 -1.59 -1.65
CA VAL A 117 -11.54 -1.69 -1.95
C VAL A 117 -10.80 -1.82 -0.62
N ALA A 118 -11.17 -0.96 0.33
CA ALA A 118 -10.60 -1.03 1.66
C ALA A 118 -10.88 -2.37 2.30
N MET A 119 -12.07 -2.91 2.11
CA MET A 119 -12.38 -4.20 2.72
CA MET A 119 -12.44 -4.21 2.66
C MET A 119 -11.51 -5.31 2.14
N ALA A 120 -11.32 -5.33 0.83
CA ALA A 120 -10.44 -6.32 0.21
C ALA A 120 -9.04 -6.22 0.77
N ALA A 121 -8.55 -5.00 0.96
CA ALA A 121 -7.23 -4.84 1.54
C ALA A 121 -7.15 -5.45 2.93
N ARG A 122 -8.22 -5.33 3.71
CA ARG A 122 -8.16 -5.81 5.09
C ARG A 122 -8.32 -7.31 5.15
N VAL A 123 -9.07 -7.89 4.22
CA VAL A 123 -9.16 -9.35 4.12
C VAL A 123 -7.77 -9.93 3.83
N ALA A 124 -7.03 -9.31 2.92
CA ALA A 124 -5.68 -9.75 2.62
C ALA A 124 -4.77 -9.62 3.85
N ALA A 125 -4.96 -8.54 4.61
CA ALA A 125 -4.12 -8.29 5.78
C ALA A 125 -4.34 -9.33 6.87
N GLN A 126 -5.56 -9.86 6.96
CA GLN A 126 -5.88 -10.92 7.92
C GLN A 126 -5.27 -12.26 7.54
N ALA A 127 -4.90 -12.43 6.26
CA ALA A 127 -4.44 -13.71 5.77
C ALA A 127 -3.01 -13.97 6.24
N ALA A 128 -2.72 -15.24 6.49
CA ALA A 128 -1.37 -15.67 6.82
C ALA A 128 -0.57 -15.85 5.53
N GLY A 129 0.74 -15.84 5.64
CA GLY A 129 1.57 -16.21 4.51
C GLY A 129 1.16 -17.59 4.06
N GLY A 130 1.00 -17.73 2.75
CA GLY A 130 0.63 -19.01 2.17
C GLY A 130 -0.87 -19.27 2.16
N GLU A 131 -1.65 -18.36 2.74
CA GLU A 131 -3.09 -18.53 2.83
C GLU A 131 -3.82 -17.63 1.85
N ILE A 132 -4.96 -18.10 1.35
CA ILE A 132 -5.91 -17.28 0.62
C ILE A 132 -7.17 -17.12 1.45
N LEU A 133 -7.50 -15.89 1.84
CA LEU A 133 -8.75 -15.63 2.55
C LEU A 133 -9.72 -14.90 1.64
N VAL A 134 -11.00 -15.22 1.75
CA VAL A 134 -12.05 -14.52 1.02
C VAL A 134 -13.13 -14.10 2.00
N SER A 135 -13.83 -13.03 1.66
CA SER A 135 -14.97 -12.56 2.42
C SER A 135 -16.18 -13.47 2.19
N GLN A 136 -17.17 -13.33 3.06
CA GLN A 136 -18.34 -14.19 3.00
C GLN A 136 -19.07 -14.09 1.66
N PRO A 137 -19.23 -12.86 1.13
CA PRO A 137 -19.90 -12.80 -0.17
C PRO A 137 -19.19 -13.57 -1.28
N VAL A 138 -17.85 -13.63 -1.25
CA VAL A 138 -17.12 -14.43 -2.21
C VAL A 138 -17.35 -15.91 -1.96
N ARG A 139 -17.24 -16.34 -0.71
CA ARG A 139 -17.55 -17.73 -0.34
C ARG A 139 -18.96 -18.09 -0.77
N ASP A 140 -19.91 -17.20 -0.49
CA ASP A 140 -21.33 -17.47 -0.80
C ASP A 140 -21.59 -17.56 -2.30
N ALA A 141 -20.89 -16.75 -3.09
CA ALA A 141 -21.05 -16.76 -4.53
C ALA A 141 -20.53 -18.07 -5.12
N LEU A 142 -19.59 -18.69 -4.43
CA LEU A 142 -18.92 -19.89 -4.92
C LEU A 142 -19.36 -21.15 -4.18
N SER A 143 -20.55 -21.08 -3.59
CA SER A 143 -21.13 -22.24 -2.91
C SER A 143 -21.38 -23.40 -3.85
N ARG A 144 -21.59 -23.09 -5.13
CA ARG A 144 -21.92 -24.12 -6.12
C ARG A 144 -20.72 -24.66 -6.89
N SER A 145 -19.53 -24.14 -6.61
CA SER A 145 -18.32 -24.58 -7.31
C SER A 145 -18.01 -26.06 -7.05
N ASP A 146 -17.86 -26.82 -8.12
CA ASP A 146 -17.58 -28.25 -7.99
C ASP A 146 -16.11 -28.54 -7.68
N GLY A 147 -15.29 -27.48 -7.61
CA GLY A 147 -13.87 -27.63 -7.43
C GLY A 147 -13.27 -26.79 -6.31
N ILE A 148 -13.86 -25.62 -6.09
CA ILE A 148 -13.35 -24.72 -5.05
C ILE A 148 -13.95 -25.04 -3.70
N ARG A 149 -13.08 -25.27 -2.72
CA ARG A 149 -13.53 -25.64 -1.37
C ARG A 149 -13.01 -24.64 -0.33
N PHE A 150 -13.83 -24.41 0.70
CA PHE A 150 -13.49 -23.49 1.78
C PHE A 150 -13.55 -24.17 3.13
N ASP A 151 -12.82 -23.60 4.09
CA ASP A 151 -12.98 -24.00 5.49
C ASP A 151 -14.29 -23.41 6.02
N ASP A 152 -14.58 -23.63 7.31
CA ASP A 152 -15.85 -23.18 7.88
C ASP A 152 -15.79 -21.71 8.33
N GLY A 153 -14.63 -21.07 8.12
CA GLY A 153 -14.52 -19.66 8.37
C GLY A 153 -14.12 -19.32 9.79
N ARG A 154 -13.64 -18.09 9.97
CA ARG A 154 -13.35 -17.56 11.30
C ARG A 154 -13.76 -16.09 11.39
N GLU A 155 -14.32 -15.73 12.55
CA GLU A 155 -14.85 -14.39 12.77
C GLU A 155 -13.76 -13.39 13.17
N VAL A 156 -13.79 -12.23 12.54
CA VAL A 156 -12.80 -11.17 12.81
C VAL A 156 -13.49 -9.82 12.82
N GLU A 157 -12.78 -8.82 13.31
CA GLU A 157 -13.16 -7.44 13.07
C GLU A 157 -12.08 -6.85 12.19
N LEU A 158 -12.50 -5.98 11.29
CA LEU A 158 -11.58 -5.41 10.29
C LEU A 158 -11.38 -3.94 10.54
N LYS A 159 -10.14 -3.49 10.43
CA LYS A 159 -9.81 -2.11 10.73
C LYS A 159 -10.67 -1.15 9.91
N GLY A 160 -11.40 -0.27 10.60
CA GLY A 160 -12.19 0.78 9.96
C GLY A 160 -13.66 0.46 9.76
N PHE A 161 -14.03 -0.79 10.03
CA PHE A 161 -15.37 -1.28 9.78
C PHE A 161 -16.04 -1.69 11.08
N SER A 162 -17.34 -1.39 11.19
CA SER A 162 -18.09 -1.76 12.38
C SER A 162 -18.49 -3.23 12.28
N GLY A 163 -18.63 -3.88 13.44
CA GLY A 163 -19.16 -5.22 13.48
C GLY A 163 -18.15 -6.31 13.19
N THR A 164 -18.65 -7.52 12.97
CA THR A 164 -17.81 -8.69 12.72
C THR A 164 -17.95 -9.16 11.27
N TYR A 165 -16.92 -9.82 10.79
CA TYR A 165 -16.91 -10.42 9.47
C TYR A 165 -16.35 -11.83 9.55
N ARG A 166 -16.92 -12.74 8.77
CA ARG A 166 -16.43 -14.11 8.70
C ARG A 166 -15.59 -14.26 7.44
N LEU A 167 -14.32 -14.60 7.62
CA LEU A 167 -13.40 -14.83 6.51
C LEU A 167 -13.10 -16.31 6.34
N PHE A 168 -13.01 -16.75 5.10
CA PHE A 168 -12.90 -18.17 4.78
C PHE A 168 -11.62 -18.46 4.02
N ALA A 169 -10.89 -19.48 4.45
CA ALA A 169 -9.68 -19.91 3.76
C ALA A 169 -10.05 -20.86 2.61
N VAL A 170 -9.37 -20.67 1.48
CA VAL A 170 -9.50 -21.55 0.33
C VAL A 170 -8.71 -22.83 0.57
N LEU A 171 -9.37 -23.95 0.38
CA LEU A 171 -8.74 -25.25 0.48
C LEU A 171 -8.53 -25.80 -0.93
N ALA A 172 -7.28 -25.85 -1.35
CA ALA A 172 -6.95 -26.26 -2.72
C ALA A 172 -6.58 -27.75 -2.79
N SER A 173 -6.80 -28.34 -3.96
CA SER A 173 -6.55 -29.76 -4.17
C SER A 173 -5.06 -30.03 -4.42
N ALA B 4 22.87 0.01 0.04
CA ALA B 4 21.69 0.32 -0.76
C ALA B 4 22.11 0.69 -2.18
N MET B 5 21.37 0.19 -3.18
CA MET B 5 21.76 0.38 -4.57
C MET B 5 20.88 1.40 -5.30
N GLY B 6 21.45 1.98 -6.35
CA GLY B 6 20.72 2.89 -7.21
C GLY B 6 21.09 4.35 -7.01
N SER B 7 20.22 5.24 -7.47
CA SER B 7 20.45 6.67 -7.41
C SER B 7 19.88 7.25 -6.14
N ARG B 8 20.51 8.30 -5.63
CA ARG B 8 20.03 8.96 -4.44
C ARG B 8 18.73 9.67 -4.77
N VAL B 9 17.74 9.49 -3.91
CA VAL B 9 16.44 10.11 -4.07
C VAL B 9 15.84 10.33 -2.69
N VAL B 10 14.99 11.34 -2.58
CA VAL B 10 14.23 11.58 -1.36
C VAL B 10 12.82 11.04 -1.56
N ILE B 11 12.35 10.21 -0.62
CA ILE B 11 11.03 9.60 -0.75
C ILE B 11 10.15 10.07 0.40
N LEU B 12 8.96 10.53 0.02
CA LEU B 12 7.95 11.03 0.94
C LEU B 12 6.71 10.16 0.79
N PHE B 13 6.15 9.74 1.92
CA PHE B 13 4.86 9.05 1.93
C PHE B 13 3.86 9.90 2.71
N THR B 14 2.66 10.05 2.16
CA THR B 14 1.53 10.61 2.92
C THR B 14 0.55 9.49 3.19
N ASP B 15 -0.25 9.66 4.24
CA ASP B 15 -1.25 8.66 4.59
C ASP B 15 -2.34 9.30 5.44
N ILE B 16 -3.57 9.27 4.94
CA ILE B 16 -4.67 9.79 5.72
C ILE B 16 -4.97 8.87 6.91
N GLU B 17 -5.13 9.49 8.06
CA GLU B 17 -5.53 8.79 9.29
C GLU B 17 -6.94 8.28 9.21
N GLU B 18 -7.13 6.98 9.50
CA GLU B 18 -8.45 6.41 9.69
C GLU B 18 -9.39 6.71 8.53
N SER B 19 -8.91 6.55 7.31
CA SER B 19 -9.70 6.93 6.16
C SER B 19 -10.80 5.90 5.90
N THR B 20 -10.59 4.65 6.29
CA THR B 20 -11.64 3.64 6.10
C THR B 20 -12.85 3.99 6.91
N ALA B 21 -12.65 4.37 8.17
CA ALA B 21 -13.77 4.77 9.01
C ALA B 21 -14.48 5.99 8.43
N LEU B 22 -13.71 6.93 7.89
CA LEU B 22 -14.27 8.12 7.23
C LEU B 22 -15.13 7.73 6.03
N ASN B 23 -14.57 6.89 5.16
CA ASN B 23 -15.30 6.33 4.01
C ASN B 23 -16.63 5.72 4.45
N GLU B 24 -16.61 4.97 5.54
CA GLU B 24 -17.80 4.28 6.00
C GLU B 24 -18.83 5.26 6.54
N ARG B 25 -18.35 6.34 7.13
CA ARG B 25 -19.20 7.34 7.74
CA ARG B 25 -19.20 7.34 7.74
C ARG B 25 -19.91 8.22 6.71
N ILE B 26 -19.19 8.60 5.65
CA ILE B 26 -19.74 9.52 4.65
C ILE B 26 -20.26 8.81 3.39
N GLY B 27 -19.85 7.55 3.21
CA GLY B 27 -20.26 6.78 2.04
C GLY B 27 -19.37 7.00 0.84
N ASP B 28 -19.52 6.14 -0.16
CA ASP B 28 -18.62 6.12 -1.31
C ASP B 28 -18.73 7.36 -2.17
N ARG B 29 -19.95 7.79 -2.46
CA ARG B 29 -20.15 9.00 -3.25
C ARG B 29 -19.36 10.18 -2.68
N ALA B 30 -19.54 10.45 -1.40
CA ALA B 30 -18.81 11.54 -0.76
C ALA B 30 -17.29 11.26 -0.66
N TRP B 31 -16.91 10.01 -0.41
CA TRP B 31 -15.51 9.60 -0.33
C TRP B 31 -14.75 9.87 -1.63
N VAL B 32 -15.32 9.48 -2.77
CA VAL B 32 -14.61 9.62 -4.03
C VAL B 32 -14.44 11.11 -4.37
N LYS B 33 -15.43 11.92 -4.00
CA LYS B 33 -15.32 13.36 -4.16
C LYS B 33 -14.20 13.91 -3.27
N LEU B 34 -14.15 13.42 -2.04
CA LEU B 34 -13.14 13.87 -1.09
C LEU B 34 -11.74 13.52 -1.55
N ILE B 35 -11.54 12.28 -2.00
CA ILE B 35 -10.22 11.84 -2.35
C ILE B 35 -9.78 12.41 -3.70
N SER B 36 -10.72 12.70 -4.58
CA SER B 36 -10.37 13.33 -5.84
CA SER B 36 -10.38 13.33 -5.85
C SER B 36 -9.81 14.72 -5.58
N SER B 37 -10.42 15.45 -4.66
N SER B 37 -10.43 15.45 -4.66
CA SER B 37 -9.95 16.78 -4.30
CA SER B 37 -9.97 16.79 -4.28
C SER B 37 -8.60 16.71 -3.59
C SER B 37 -8.61 16.72 -3.59
N HIS B 38 -8.43 15.71 -2.75
CA HIS B 38 -7.18 15.50 -2.03
C HIS B 38 -6.04 15.20 -3.02
N ASP B 39 -6.29 14.33 -3.99
CA ASP B 39 -5.31 14.04 -5.04
C ASP B 39 -4.86 15.31 -5.75
N LYS B 40 -5.81 16.12 -6.18
CA LYS B 40 -5.52 17.39 -6.86
C LYS B 40 -4.65 18.27 -5.97
N LEU B 41 -5.01 18.37 -4.69
CA LEU B 41 -4.26 19.19 -3.76
C LEU B 41 -2.82 18.70 -3.65
N VAL B 42 -2.65 17.41 -3.35
CA VAL B 42 -1.32 16.86 -3.17
C VAL B 42 -0.52 17.03 -4.46
N SER B 43 -1.12 16.70 -5.59
CA SER B 43 -0.41 16.79 -6.86
C SER B 43 0.11 18.20 -7.14
N ASP B 44 -0.69 19.21 -6.83
CA ASP B 44 -0.26 20.59 -7.06
C ASP B 44 0.89 20.98 -6.14
N LEU B 45 0.81 20.57 -4.89
CA LEU B 45 1.84 20.96 -3.94
C LEU B 45 3.15 20.23 -4.20
N VAL B 46 3.05 18.99 -4.66
CA VAL B 46 4.23 18.22 -5.06
C VAL B 46 4.92 18.91 -6.22
N ARG B 47 4.14 19.33 -7.22
CA ARG B 47 4.71 19.97 -8.39
C ARG B 47 5.36 21.31 -8.04
N ARG B 48 4.80 22.00 -7.05
CA ARG B 48 5.39 23.26 -6.60
C ARG B 48 6.83 23.09 -6.14
N GLN B 49 7.13 21.96 -5.48
CA GLN B 49 8.50 21.68 -5.02
C GLN B 49 9.28 20.72 -5.92
N SER B 50 8.90 20.68 -7.20
CA SER B 50 9.59 19.86 -8.19
C SER B 50 9.63 18.36 -7.89
N GLY B 51 8.60 17.87 -7.22
CA GLY B 51 8.48 16.44 -6.98
C GLY B 51 7.69 15.71 -8.05
N HIS B 52 7.65 14.39 -7.90
CA HIS B 52 6.92 13.52 -8.81
C HIS B 52 6.22 12.44 -8.00
N VAL B 53 4.91 12.39 -8.12
CA VAL B 53 4.13 11.32 -7.52
C VAL B 53 4.41 10.02 -8.25
N VAL B 54 4.82 9.00 -7.51
CA VAL B 54 5.16 7.69 -8.07
C VAL B 54 3.89 6.84 -8.16
N LYS B 55 3.08 6.88 -7.10
CA LYS B 55 1.88 6.08 -7.03
C LYS B 55 1.00 6.50 -5.87
N SER B 56 -0.22 5.97 -5.88
CA SER B 56 -1.21 6.27 -4.86
C SER B 56 -1.73 4.96 -4.23
N GLN B 57 -2.03 5.02 -2.94
CA GLN B 57 -2.72 3.92 -2.25
C GLN B 57 -4.14 4.35 -1.93
N GLY B 58 -4.66 5.27 -2.73
CA GLY B 58 -6.01 5.75 -2.54
C GLY B 58 -6.04 6.93 -1.59
N ASP B 59 -5.65 6.69 -0.34
CA ASP B 59 -5.67 7.74 0.67
C ASP B 59 -4.25 8.24 0.99
N GLY B 60 -3.28 7.94 0.14
CA GLY B 60 -1.92 8.37 0.43
C GLY B 60 -1.11 8.27 -0.84
N PHE B 61 0.05 8.91 -0.82
CA PHE B 61 0.90 8.96 -2.00
C PHE B 61 2.34 8.66 -1.63
N MET B 62 3.03 8.06 -2.60
CA MET B 62 4.47 7.90 -2.60
C MET B 62 5.01 8.91 -3.60
N VAL B 63 5.96 9.73 -3.15
CA VAL B 63 6.46 10.88 -3.90
C VAL B 63 7.98 10.93 -3.87
N ALA B 64 8.56 11.23 -5.03
CA ALA B 64 10.01 11.33 -5.18
C ALA B 64 10.43 12.80 -5.38
N PHE B 65 11.49 13.18 -4.67
CA PHE B 65 12.12 14.48 -4.82
C PHE B 65 13.62 14.31 -4.99
N ALA B 66 14.26 15.26 -5.66
CA ALA B 66 15.70 15.24 -5.79
C ALA B 66 16.41 15.71 -4.52
N ARG B 67 15.79 16.65 -3.80
CA ARG B 67 16.45 17.30 -2.65
C ARG B 67 15.55 17.27 -1.41
N PRO B 68 16.17 17.10 -0.22
CA PRO B 68 15.36 16.92 0.99
C PRO B 68 14.54 18.15 1.36
N GLU B 69 15.02 19.34 1.03
CA GLU B 69 14.28 20.53 1.40
C GLU B 69 13.01 20.67 0.58
N GLN B 70 13.03 20.10 -0.62
CA GLN B 70 11.84 20.15 -1.47
C GLN B 70 10.72 19.31 -0.83
N ALA B 71 11.09 18.12 -0.39
CA ALA B 71 10.14 17.20 0.25
C ALA B 71 9.56 17.78 1.53
N VAL B 72 10.43 18.32 2.37
CA VAL B 72 9.97 18.88 3.63
C VAL B 72 9.05 20.09 3.39
N ARG B 73 9.44 21.00 2.51
CA ARG B 73 8.57 22.13 2.19
C ARG B 73 7.23 21.69 1.63
N CYS B 74 7.23 20.63 0.84
CA CYS B 74 5.97 20.10 0.31
C CYS B 74 5.11 19.65 1.48
N GLY B 75 5.74 18.92 2.40
CA GLY B 75 5.02 18.44 3.56
C GLY B 75 4.48 19.57 4.42
N ILE B 76 5.30 20.59 4.63
CA ILE B 76 4.88 21.76 5.38
C ILE B 76 3.67 22.39 4.71
N GLU B 77 3.68 22.53 3.39
CA GLU B 77 2.58 23.19 2.71
C GLU B 77 1.32 22.34 2.73
N LEU B 78 1.47 21.03 2.62
CA LEU B 78 0.33 20.12 2.72
C LEU B 78 -0.34 20.24 4.08
N GLN B 79 0.44 20.16 5.16
CA GLN B 79 -0.13 20.29 6.50
C GLN B 79 -0.87 21.61 6.70
N ARG B 80 -0.26 22.70 6.24
CA ARG B 80 -0.89 24.01 6.26
C ARG B 80 -2.24 24.00 5.54
N ALA B 81 -2.23 23.47 4.32
CA ALA B 81 -3.43 23.44 3.48
C ALA B 81 -4.54 22.59 4.10
N LEU B 82 -4.17 21.50 4.76
CA LEU B 82 -5.15 20.64 5.40
C LEU B 82 -5.76 21.34 6.61
N ARG B 83 -4.94 22.10 7.32
CA ARG B 83 -5.40 22.85 8.48
C ARG B 83 -6.48 23.86 8.05
N ARG B 84 -6.33 24.40 6.84
CA ARG B 84 -7.32 25.30 6.27
C ARG B 84 -8.39 24.51 5.51
N GLU B 93 -13.12 16.97 7.56
CA GLU B 93 -11.81 17.24 8.15
C GLU B 93 -10.95 15.97 8.18
N ILE B 94 -9.80 16.03 7.53
CA ILE B 94 -8.90 14.89 7.47
C ILE B 94 -7.54 15.24 8.04
N ARG B 95 -6.89 14.23 8.62
CA ARG B 95 -5.55 14.35 9.14
C ARG B 95 -4.63 13.42 8.34
N VAL B 96 -3.41 13.86 8.08
CA VAL B 96 -2.47 13.09 7.30
C VAL B 96 -1.16 12.96 8.04
N ARG B 97 -0.55 11.77 8.00
CA ARG B 97 0.80 11.58 8.51
C ARG B 97 1.76 11.56 7.33
N ILE B 98 2.96 12.14 7.53
CA ILE B 98 3.95 12.26 6.47
C ILE B 98 5.30 11.81 6.98
N GLY B 99 5.95 10.96 6.20
CA GLY B 99 7.28 10.48 6.51
C GLY B 99 8.21 10.70 5.34
N ILE B 100 9.45 11.06 5.63
CA ILE B 100 10.43 11.35 4.61
C ILE B 100 11.76 10.69 4.95
N HIS B 101 12.35 10.04 3.95
CA HIS B 101 13.65 9.45 4.11
C HIS B 101 14.41 9.70 2.82
N MET B 102 15.72 9.56 2.84
N MET B 102 15.74 9.61 2.87
CA MET B 102 16.47 9.70 1.62
CA MET B 102 16.59 9.83 1.70
C MET B 102 17.61 8.70 1.64
C MET B 102 17.70 8.78 1.65
N GLY B 103 18.05 8.35 0.44
CA GLY B 103 19.13 7.40 0.25
C GLY B 103 19.02 6.82 -1.15
N ARG B 104 19.90 5.89 -1.49
CA ARG B 104 19.87 5.27 -2.80
C ARG B 104 18.76 4.25 -2.90
N SER B 105 18.09 4.24 -4.05
N SER B 105 18.09 4.22 -4.04
CA SER B 105 17.04 3.27 -4.32
CA SER B 105 17.13 3.16 -4.31
C SER B 105 17.14 2.93 -5.80
C SER B 105 17.03 2.96 -5.81
N VAL B 106 16.62 1.77 -6.20
CA VAL B 106 16.70 1.35 -7.59
C VAL B 106 15.48 1.78 -8.36
N ARG B 107 15.71 2.49 -9.45
CA ARG B 107 14.66 2.82 -10.40
C ARG B 107 14.32 1.62 -11.26
N ARG B 108 13.04 1.25 -11.29
CA ARG B 108 12.56 0.15 -12.12
C ARG B 108 11.30 0.69 -12.77
N GLY B 109 11.32 0.88 -14.08
CA GLY B 109 10.26 1.60 -14.72
C GLY B 109 10.14 2.96 -14.08
N ASP B 110 8.90 3.31 -13.74
CA ASP B 110 8.58 4.53 -13.02
C ASP B 110 8.37 4.29 -11.53
N ASP B 111 8.93 3.21 -11.02
CA ASP B 111 8.80 2.83 -9.61
C ASP B 111 10.18 2.84 -8.94
N LEU B 112 10.18 2.77 -7.61
CA LEU B 112 11.40 2.74 -6.81
C LEU B 112 11.41 1.54 -5.90
N PHE B 113 12.57 0.89 -5.81
CA PHE B 113 12.72 -0.34 -5.04
C PHE B 113 13.96 -0.37 -4.21
N GLY B 114 13.83 -0.97 -3.02
CA GLY B 114 14.97 -1.20 -2.18
C GLY B 114 14.68 -0.86 -0.75
N ARG B 115 15.65 -1.12 0.11
CA ARG B 115 15.42 -0.95 1.52
C ARG B 115 15.11 0.47 1.94
N ASN B 116 15.60 1.45 1.19
CA ASN B 116 15.32 2.83 1.55
C ASN B 116 13.90 3.26 1.23
N VAL B 117 13.26 2.56 0.28
CA VAL B 117 11.83 2.76 0.01
C VAL B 117 11.06 2.23 1.22
N ALA B 118 11.39 1.01 1.63
CA ALA B 118 10.75 0.42 2.82
C ALA B 118 10.99 1.31 4.04
N MET B 119 12.21 1.81 4.21
CA MET B 119 12.48 2.70 5.32
CA MET B 119 12.48 2.69 5.34
C MET B 119 11.58 3.94 5.29
N ALA B 120 11.41 4.54 4.12
CA ALA B 120 10.54 5.72 4.02
C ALA B 120 9.10 5.40 4.46
N ALA B 121 8.60 4.25 4.01
CA ALA B 121 7.29 3.81 4.39
C ALA B 121 7.19 3.63 5.91
N ARG B 122 8.23 3.05 6.50
CA ARG B 122 8.21 2.84 7.95
C ARG B 122 8.26 4.15 8.73
N VAL B 123 8.99 5.13 8.21
CA VAL B 123 9.04 6.43 8.85
C VAL B 123 7.65 7.08 8.84
N ALA B 124 6.95 7.02 7.70
CA ALA B 124 5.62 7.62 7.63
C ALA B 124 4.66 6.92 8.59
N ALA B 125 4.84 5.60 8.74
CA ALA B 125 3.99 4.82 9.64
C ALA B 125 4.15 5.25 11.08
N GLN B 126 5.33 5.77 11.42
CA GLN B 126 5.59 6.26 12.77
C GLN B 126 5.05 7.66 13.02
N ALA B 127 4.75 8.39 11.95
CA ALA B 127 4.36 9.78 12.07
C ALA B 127 2.95 9.87 12.64
N ALA B 128 2.72 10.86 13.49
CA ALA B 128 1.38 11.13 13.97
C ALA B 128 0.57 11.87 12.91
N GLY B 129 -0.75 11.87 13.05
CA GLY B 129 -1.60 12.64 12.19
C GLY B 129 -1.19 14.08 12.35
N GLY B 130 -0.94 14.76 11.24
CA GLY B 130 -0.57 16.16 11.28
C GLY B 130 0.92 16.43 11.43
N GLU B 131 1.70 15.36 11.57
CA GLU B 131 3.15 15.44 11.76
C GLU B 131 3.90 15.11 10.47
N ILE B 132 5.06 15.77 10.33
CA ILE B 132 6.06 15.45 9.32
C ILE B 132 7.29 14.87 10.03
N LEU B 133 7.54 13.58 9.80
CA LEU B 133 8.67 12.89 10.41
C LEU B 133 9.71 12.60 9.35
N VAL B 134 10.95 12.87 9.70
CA VAL B 134 12.06 12.61 8.79
C VAL B 134 13.10 11.75 9.47
N SER B 135 13.82 10.96 8.67
CA SER B 135 14.92 10.16 9.18
C SER B 135 16.17 11.01 9.47
N GLN B 136 17.14 10.43 10.18
CA GLN B 136 18.36 11.13 10.53
C GLN B 136 19.09 11.67 9.30
N PRO B 137 19.21 10.86 8.24
CA PRO B 137 19.93 11.42 7.10
C PRO B 137 19.28 12.66 6.51
N VAL B 138 17.96 12.74 6.55
CA VAL B 138 17.25 13.90 6.08
C VAL B 138 17.51 15.10 7.01
N ARG B 139 17.42 14.84 8.31
CA ARG B 139 17.71 15.84 9.31
C ARG B 139 19.12 16.41 9.15
N ASP B 140 20.10 15.52 8.97
CA ASP B 140 21.50 15.92 8.88
C ASP B 140 21.78 16.75 7.62
N ALA B 141 21.02 16.48 6.58
CA ALA B 141 21.22 17.13 5.28
C ALA B 141 20.67 18.55 5.26
N LEU B 142 19.81 18.87 6.23
CA LEU B 142 19.17 20.16 6.30
C LEU B 142 19.69 21.00 7.45
N SER B 143 19.25 22.26 7.52
CA SER B 143 19.64 23.17 8.59
C SER B 143 18.77 24.42 8.56
N ARG B 144 18.79 25.18 9.65
C ARG B 144 18.59 27.79 8.34
N SER B 145 19.45 27.17 7.55
CA SER B 145 19.86 27.73 6.26
C SER B 145 18.79 27.47 5.20
N ASP B 146 18.03 26.41 5.41
CA ASP B 146 16.94 26.04 4.50
C ASP B 146 15.60 26.49 5.07
N GLY B 147 15.64 27.24 6.17
CA GLY B 147 14.44 27.74 6.83
C GLY B 147 13.62 26.65 7.50
N ILE B 148 14.28 25.60 7.98
CA ILE B 148 13.61 24.42 8.52
C ILE B 148 14.15 24.05 9.90
N ARG B 149 13.23 23.79 10.83
CA ARG B 149 13.59 23.48 12.21
C ARG B 149 13.01 22.14 12.62
N PHE B 150 13.74 21.46 13.50
CA PHE B 150 13.33 20.15 13.97
C PHE B 150 13.28 20.04 15.49
N ASP B 151 12.61 18.99 15.98
CA ASP B 151 12.69 18.62 17.39
C ASP B 151 13.97 17.85 17.64
N ASP B 152 14.10 17.23 18.81
CA ASP B 152 15.34 16.55 19.17
C ASP B 152 15.30 15.08 18.78
N GLY B 153 14.18 14.64 18.23
CA GLY B 153 14.07 13.30 17.74
C GLY B 153 13.64 12.30 18.79
N ARG B 154 13.19 11.16 18.30
CA ARG B 154 12.82 10.04 19.15
C ARG B 154 13.36 8.77 18.53
N GLU B 155 13.85 7.86 19.36
CA GLU B 155 14.43 6.62 18.88
C GLU B 155 13.36 5.55 18.86
N VAL B 156 13.20 4.86 17.72
CA VAL B 156 12.19 3.83 17.60
C VAL B 156 12.71 2.61 16.85
N GLU B 157 12.08 1.45 17.08
CA GLU B 157 12.29 0.27 16.27
C GLU B 157 11.37 0.34 15.08
N LEU B 158 11.85 -0.20 13.95
CA LEU B 158 11.08 -0.23 12.72
C LEU B 158 11.04 -1.65 12.19
N LYS B 159 9.83 -2.08 11.81
CA LYS B 159 9.61 -3.46 11.43
C LYS B 159 10.44 -3.79 10.20
N GLY B 160 11.22 -4.85 10.31
CA GLY B 160 12.01 -5.33 9.20
C GLY B 160 13.46 -4.88 9.24
N PHE B 161 13.76 -3.94 10.14
CA PHE B 161 15.09 -3.39 10.29
C PHE B 161 15.68 -3.76 11.62
N SER B 162 16.97 -3.99 11.66
CA SER B 162 17.62 -4.45 12.87
C SER B 162 17.95 -3.31 13.82
N GLY B 163 18.11 -2.10 13.32
CA GLY B 163 18.56 -1.04 14.19
C GLY B 163 17.48 -0.40 15.04
N THR B 164 17.88 0.67 15.70
CA THR B 164 16.91 1.61 16.24
CA THR B 164 16.95 1.62 16.29
C THR B 164 17.22 2.88 15.49
N TYR B 165 16.20 3.68 15.23
CA TYR B 165 16.33 4.84 14.36
C TYR B 165 15.75 6.09 14.98
N ARG B 166 16.51 7.18 14.92
CA ARG B 166 16.08 8.44 15.49
C ARG B 166 15.34 9.22 14.41
N LEU B 167 14.09 9.60 14.70
CA LEU B 167 13.21 10.21 13.71
C LEU B 167 12.81 11.57 14.24
N PHE B 168 12.86 12.57 13.35
CA PHE B 168 12.77 13.96 13.75
C PHE B 168 11.52 14.57 13.16
N ALA B 169 10.73 15.24 14.00
CA ALA B 169 9.57 15.97 13.54
C ALA B 169 9.94 17.39 13.14
N VAL B 170 9.34 17.84 12.04
CA VAL B 170 9.48 19.20 11.55
C VAL B 170 8.61 20.12 12.40
N LEU B 171 9.22 21.18 12.93
CA LEU B 171 8.48 22.13 13.77
C LEU B 171 8.10 23.38 13.00
#